data_3PNL
#
_entry.id   3PNL
#
_cell.length_a   74.572
_cell.length_b   74.572
_cell.length_c   268.779
_cell.angle_alpha   90.000
_cell.angle_beta   90.000
_cell.angle_gamma   90.000
#
_symmetry.space_group_name_H-M   'P 41 21 2'
#
loop_
_entity.id
_entity.type
_entity.pdbx_description
1 polymer 'PTS-dependent dihydroxyacetone kinase, dihydroxyacetone-binding subunit dhaK'
2 polymer 'PTS-dependent dihydroxyacetone kinase, ADP-binding subunit dhaL'
3 non-polymer GLYCEROL
4 non-polymer "ADENOSINE-5'-DIPHOSPHATE"
5 non-polymer 'MAGNESIUM ION'
6 water water
#
loop_
_entity_poly.entity_id
_entity_poly.type
_entity_poly.pdbx_seq_one_letter_code
_entity_poly.pdbx_strand_id
1 'polypeptide(L)'
;GSKKLINDVQDVLDEQLAGLAKAHPSLTLHQDPVYVTRADAPVAGKVALLSGGGSGHEPMHCGYIGQGMLSGACPGEIFT
SPTPDKIFECAMQVDGGEGVLLIIKNYTGDILNFETATELLHDSGVKVTTVVIDDDVAVKDSLYTAGRRGVANTVLIEKL
VGAAAERGDSLDACAELGRKLNNQGHSIGIALGACTVPAAGKPSFTLADNEMEFGVGIHGEPGIDRRPFSSLDQTVDEMF
DTLLVNGSYHRTLRFWDYQQGSWQEEQQTKQPLQSGDRVIALVNNLGATPLSELYGVYNRLTTRCQQAGLTIERNLIGAY
CTSLDMTGFSITLLKVDDETLALWDAPVHTPALNWGK
;
A
2 'polypeptide(L)'
;GSSLSRTQIVNWLTRCGDIFSTESEYLTGLDREIGDADHGLNMNRGFSKVVEKLPAIADKDIGFILKNTGMTLLSSVGGA
SGPLFGTFFIRAAQATQARQSLTLEELYQMFRDGADGVISRGKAEPGDKTMCDVWVPVVESLRQSSEQNLSVPVALEAAS
SIAESAAQSTITMQARKGRASYLGERSIGHQDPGATSVMFMMQMLALAAKE
;
B
#
loop_
_chem_comp.id
_chem_comp.type
_chem_comp.name
_chem_comp.formula
ADP non-polymer ADENOSINE-5'-DIPHOSPHATE 'C10 H15 N5 O10 P2'
GOL non-polymer GLYCEROL 'C3 H8 O3'
MG non-polymer 'MAGNESIUM ION' 'Mg 2'
#
# COMPACT_ATOMS: atom_id res chain seq x y z
N SER A 2 21.09 -14.39 0.34
CA SER A 2 19.93 -15.05 1.04
C SER A 2 20.07 -14.97 2.57
N LYS A 3 20.10 -16.13 3.22
CA LYS A 3 20.35 -16.27 4.67
C LYS A 3 19.31 -15.68 5.63
N LYS A 4 18.08 -16.17 5.51
CA LYS A 4 17.05 -15.78 6.44
C LYS A 4 16.68 -16.98 7.29
N LEU A 5 16.22 -16.69 8.50
CA LEU A 5 15.65 -17.71 9.34
C LEU A 5 14.24 -18.00 8.85
N ILE A 6 14.15 -18.73 7.74
CA ILE A 6 12.85 -19.17 7.21
C ILE A 6 12.93 -20.63 6.79
N ASN A 7 11.77 -21.25 6.57
CA ASN A 7 11.75 -22.55 5.90
C ASN A 7 11.39 -22.31 4.41
N ASP A 8 10.34 -22.94 3.88
CA ASP A 8 9.96 -22.68 2.48
C ASP A 8 9.42 -21.25 2.39
N VAL A 9 9.81 -20.53 1.33
CA VAL A 9 9.33 -19.14 1.09
C VAL A 9 7.81 -18.99 1.18
N GLN A 10 7.07 -19.95 0.59
CA GLN A 10 5.59 -19.89 0.59
C GLN A 10 4.96 -19.94 1.96
N ASP A 11 5.68 -20.54 2.91
CA ASP A 11 5.16 -20.70 4.26
C ASP A 11 5.64 -19.66 5.26
N VAL A 12 6.48 -18.69 4.89
CA VAL A 12 6.98 -17.82 5.94
C VAL A 12 5.92 -17.13 6.76
N LEU A 13 4.87 -16.57 6.15
CA LEU A 13 3.91 -15.83 6.93
C LEU A 13 3.03 -16.73 7.74
N ASP A 14 2.68 -17.90 7.18
CA ASP A 14 1.90 -18.88 7.91
C ASP A 14 2.59 -19.26 9.25
N GLU A 15 3.89 -19.51 9.16
CA GLU A 15 4.69 -19.92 10.32
C GLU A 15 4.85 -18.77 11.32
N GLN A 16 5.04 -17.55 10.81
CA GLN A 16 5.29 -16.40 11.67
C GLN A 16 4.04 -15.94 12.38
N LEU A 17 2.90 -16.10 11.72
CA LEU A 17 1.63 -15.66 12.28
C LEU A 17 1.15 -16.66 13.32
N ALA A 18 1.26 -17.94 12.99
CA ALA A 18 1.10 -19.00 13.97
C ALA A 18 1.93 -18.77 15.21
N GLY A 19 3.21 -18.46 15.06
CA GLY A 19 4.03 -18.14 16.23
C GLY A 19 3.53 -16.96 17.03
N LEU A 20 2.98 -15.95 16.34
CA LEU A 20 2.41 -14.78 16.98
C LEU A 20 1.21 -15.20 17.85
N ALA A 21 0.27 -15.95 17.26
CA ALA A 21 -0.93 -16.40 17.96
C ALA A 21 -0.54 -17.28 19.14
N LYS A 22 0.40 -18.22 18.96
CA LYS A 22 0.86 -19.04 20.08
C LYS A 22 1.45 -18.25 21.26
N ALA A 23 2.19 -17.17 20.95
CA ALA A 23 2.92 -16.42 21.98
C ALA A 23 1.96 -15.56 22.77
N HIS A 24 0.84 -15.23 22.13
CA HIS A 24 -0.09 -14.22 22.62
C HIS A 24 -1.51 -14.76 22.86
N PRO A 25 -1.82 -15.05 24.15
CA PRO A 25 -3.16 -15.57 24.50
C PRO A 25 -4.25 -14.57 24.11
N SER A 26 -3.93 -13.29 24.27
CA SER A 26 -4.81 -12.15 23.93
C SER A 26 -5.14 -11.93 22.46
N LEU A 27 -4.49 -12.68 21.56
CA LEU A 27 -4.65 -12.49 20.11
C LEU A 27 -5.27 -13.72 19.46
N THR A 28 -6.24 -13.49 18.57
CA THR A 28 -6.81 -14.59 17.80
C THR A 28 -6.39 -14.55 16.33
N LEU A 29 -5.84 -15.64 15.85
CA LEU A 29 -5.47 -15.74 14.45
C LEU A 29 -6.63 -16.35 13.70
N HIS A 30 -7.21 -15.59 12.80
CA HIS A 30 -8.24 -16.12 11.93
C HIS A 30 -7.65 -16.61 10.61
N GLN A 31 -8.36 -17.55 9.99
CA GLN A 31 -7.94 -18.16 8.74
C GLN A 31 -9.02 -17.99 7.68
N ASP A 32 -8.59 -18.03 6.42
CA ASP A 32 -9.50 -18.08 5.28
C ASP A 32 -10.66 -17.11 5.43
N PRO A 33 -10.40 -15.77 5.42
CA PRO A 33 -9.14 -15.03 5.23
C PRO A 33 -8.29 -14.82 6.49
N VAL A 34 -6.98 -14.71 6.30
CA VAL A 34 -6.09 -14.37 7.37
C VAL A 34 -6.38 -12.98 7.92
N TYR A 35 -6.45 -12.88 9.25
CA TYR A 35 -6.32 -11.61 9.94
C TYR A 35 -6.20 -11.86 11.43
N VAL A 36 -5.95 -10.81 12.21
CA VAL A 36 -5.75 -10.99 13.64
C VAL A 36 -6.63 -10.06 14.47
N THR A 37 -7.22 -10.59 15.54
CA THR A 37 -8.04 -9.78 16.47
C THR A 37 -7.73 -10.03 17.95
N ARG A 38 -8.11 -9.06 18.79
CA ARG A 38 -8.13 -9.32 20.25
C ARG A 38 -9.04 -10.51 20.42
N ALA A 39 -8.61 -11.48 21.22
CA ALA A 39 -9.45 -12.62 21.55
C ALA A 39 -10.76 -12.18 22.19
N ASP A 40 -10.82 -10.98 22.78
CA ASP A 40 -12.08 -10.49 23.38
C ASP A 40 -12.89 -9.46 22.56
N ALA A 41 -12.50 -9.27 21.31
CA ALA A 41 -13.34 -8.55 20.39
C ALA A 41 -14.46 -9.52 19.91
N PRO A 42 -15.65 -8.99 19.60
CA PRO A 42 -16.05 -7.58 19.64
C PRO A 42 -16.19 -7.09 21.08
N VAL A 43 -15.73 -5.87 21.34
CA VAL A 43 -15.94 -5.20 22.62
C VAL A 43 -17.09 -4.18 22.48
N ALA A 44 -18.23 -4.47 23.12
CA ALA A 44 -19.43 -3.64 22.99
C ALA A 44 -19.20 -2.29 23.66
N GLY A 45 -19.62 -1.22 23.01
CA GLY A 45 -19.64 0.05 23.70
C GLY A 45 -18.52 1.00 23.37
N LYS A 46 -17.56 0.51 22.58
CA LYS A 46 -16.40 1.27 22.17
C LYS A 46 -16.27 1.37 20.67
N VAL A 47 -15.78 2.50 20.21
CA VAL A 47 -15.27 2.56 18.84
C VAL A 47 -14.20 1.47 18.67
N ALA A 48 -14.29 0.71 17.57
CA ALA A 48 -13.29 -0.29 17.20
C ALA A 48 -12.23 0.34 16.26
N LEU A 49 -10.94 0.12 16.57
CA LEU A 49 -9.84 0.68 15.78
C LEU A 49 -9.18 -0.41 14.95
N LEU A 50 -9.09 -0.22 13.64
CA LEU A 50 -8.50 -1.24 12.81
C LEU A 50 -7.45 -0.63 11.91
N SER A 51 -6.43 -1.42 11.60
CA SER A 51 -5.43 -1.03 10.62
C SER A 51 -4.85 -2.25 9.96
N GLY A 52 -3.79 -2.08 9.18
CA GLY A 52 -3.28 -3.17 8.35
C GLY A 52 -2.27 -2.67 7.36
N GLY A 53 -1.63 -3.59 6.66
CA GLY A 53 -0.58 -3.21 5.73
C GLY A 53 0.22 -4.46 5.43
N GLY A 54 1.29 -4.33 4.68
CA GLY A 54 2.09 -5.50 4.36
C GLY A 54 2.74 -6.11 5.59
N SER A 55 3.00 -7.41 5.54
CA SER A 55 3.97 -8.01 6.47
C SER A 55 5.34 -7.38 6.23
N GLY A 56 6.22 -7.47 7.21
CA GLY A 56 7.56 -6.94 7.07
C GLY A 56 7.83 -5.71 7.89
N HIS A 57 6.84 -5.20 8.63
CA HIS A 57 7.05 -4.00 9.49
C HIS A 57 6.91 -4.27 10.97
N GLU A 58 6.91 -5.54 11.31
CA GLU A 58 6.72 -5.97 12.69
C GLU A 58 7.58 -5.15 13.65
N PRO A 59 6.97 -4.69 14.75
CA PRO A 59 5.60 -5.06 15.20
C PRO A 59 4.39 -4.39 14.57
N MET A 60 4.56 -3.40 13.70
CA MET A 60 3.38 -2.78 13.08
C MET A 60 2.81 -3.71 12.00
N HIS A 61 1.54 -4.12 12.06
CA HIS A 61 0.52 -3.61 13.02
C HIS A 61 0.10 -4.58 14.11
N CYS A 62 0.40 -5.87 13.93
CA CYS A 62 -0.13 -6.87 14.81
C CYS A 62 0.38 -6.76 16.24
N GLY A 63 1.61 -6.29 16.42
CA GLY A 63 2.08 -6.00 17.73
C GLY A 63 1.31 -4.93 18.44
N TYR A 64 0.32 -4.31 17.78
CA TYR A 64 -0.41 -3.21 18.44
C TYR A 64 -1.88 -3.55 18.67
N ILE A 65 -2.22 -4.82 18.56
CA ILE A 65 -3.57 -5.30 18.85
C ILE A 65 -3.75 -5.50 20.37
N GLY A 66 -4.62 -4.69 20.99
CA GLY A 66 -4.95 -4.85 22.45
C GLY A 66 -5.71 -3.68 23.06
N GLN A 67 -6.02 -3.78 24.34
CA GLN A 67 -6.80 -2.73 24.97
C GLN A 67 -6.04 -1.41 24.87
N GLY A 68 -6.71 -0.32 24.51
CA GLY A 68 -6.03 0.96 24.38
C GLY A 68 -5.42 1.18 22.99
N MET A 69 -5.55 0.22 22.08
CA MET A 69 -4.86 0.36 20.78
C MET A 69 -5.74 -0.24 19.73
N LEU A 70 -5.19 -1.08 18.85
CA LEU A 70 -6.02 -1.70 17.80
C LEU A 70 -6.91 -2.81 18.34
N SER A 71 -8.11 -2.97 17.77
CA SER A 71 -8.97 -4.14 18.07
C SER A 71 -8.61 -5.31 17.15
N GLY A 72 -8.01 -5.01 16.01
CA GLY A 72 -7.53 -6.04 15.09
C GLY A 72 -6.64 -5.44 14.02
N ALA A 73 -6.05 -6.28 13.18
CA ALA A 73 -5.15 -5.78 12.13
C ALA A 73 -5.14 -6.79 10.99
N CYS A 74 -4.95 -6.30 9.78
CA CYS A 74 -4.80 -7.15 8.63
C CYS A 74 -3.38 -7.18 8.08
N PRO A 75 -2.58 -8.23 8.43
CA PRO A 75 -1.30 -8.35 7.72
C PRO A 75 -1.45 -8.81 6.28
N GLY A 76 -0.82 -8.12 5.34
CA GLY A 76 -0.83 -8.61 3.96
C GLY A 76 0.35 -9.48 3.70
N GLU A 77 0.65 -9.71 2.43
CA GLU A 77 1.89 -10.36 2.08
C GLU A 77 3.07 -9.40 2.36
N ILE A 78 4.30 -9.89 2.26
CA ILE A 78 5.45 -9.04 2.56
C ILE A 78 5.47 -7.79 1.68
N PHE A 79 5.38 -6.64 2.34
CA PHE A 79 5.43 -5.36 1.66
C PHE A 79 4.25 -5.17 0.69
N THR A 80 3.17 -5.93 0.91
CA THR A 80 2.00 -5.90 0.05
C THR A 80 0.74 -5.58 0.84
N SER A 81 0.08 -4.48 0.48
CA SER A 81 -1.19 -4.11 1.09
C SER A 81 -2.13 -5.32 1.10
N PRO A 82 -2.84 -5.52 2.23
CA PRO A 82 -3.87 -6.57 2.28
C PRO A 82 -5.09 -6.25 1.43
N THR A 83 -5.84 -7.28 1.05
CA THR A 83 -6.98 -7.14 0.16
C THR A 83 -8.32 -6.79 0.90
N PRO A 84 -9.30 -6.25 0.16
CA PRO A 84 -10.48 -5.66 0.81
C PRO A 84 -11.32 -6.68 1.57
N ASP A 85 -11.36 -7.92 1.08
CA ASP A 85 -12.07 -8.98 1.79
C ASP A 85 -11.49 -9.22 3.21
N LYS A 86 -10.17 -9.25 3.35
CA LYS A 86 -9.57 -9.42 4.69
C LYS A 86 -9.93 -8.28 5.64
N ILE A 87 -9.90 -7.04 5.15
CA ILE A 87 -10.16 -5.88 5.99
C ILE A 87 -11.66 -5.88 6.35
N PHE A 88 -12.48 -6.21 5.36
CA PHE A 88 -13.92 -6.31 5.55
C PHE A 88 -14.24 -7.34 6.63
N GLU A 89 -13.75 -8.58 6.49
CA GLU A 89 -14.06 -9.63 7.51
C GLU A 89 -13.54 -9.25 8.89
N CYS A 90 -12.34 -8.70 8.93
CA CYS A 90 -11.77 -8.30 10.19
C CYS A 90 -12.60 -7.21 10.88
N ALA A 91 -13.04 -6.20 10.13
CA ALA A 91 -13.83 -5.13 10.71
C ALA A 91 -15.19 -5.67 11.21
N MET A 92 -15.79 -6.57 10.44
CA MET A 92 -17.06 -7.20 10.83
C MET A 92 -16.84 -7.89 12.16
N GLN A 93 -15.73 -8.63 12.26
CA GLN A 93 -15.42 -9.38 13.47
C GLN A 93 -15.25 -8.51 14.70
N VAL A 94 -14.79 -7.28 14.54
CA VAL A 94 -14.43 -6.45 15.70
C VAL A 94 -15.43 -5.37 16.08
N ASP A 95 -16.46 -5.22 15.23
CA ASP A 95 -17.51 -4.17 15.33
C ASP A 95 -18.17 -4.20 16.73
N GLY A 96 -18.12 -3.07 17.44
CA GLY A 96 -18.61 -3.05 18.83
C GLY A 96 -19.90 -2.26 18.98
N GLY A 97 -20.59 -1.99 17.87
CA GLY A 97 -21.86 -1.26 17.92
C GLY A 97 -21.64 0.24 17.84
N GLU A 98 -20.39 0.68 17.95
CA GLU A 98 -20.14 2.12 18.02
C GLU A 98 -19.39 2.68 16.80
N GLY A 99 -19.25 1.84 15.78
CA GLY A 99 -18.51 2.24 14.62
C GLY A 99 -17.15 1.58 14.52
N VAL A 100 -16.55 1.66 13.34
CA VAL A 100 -15.20 1.11 13.15
C VAL A 100 -14.39 2.23 12.54
N LEU A 101 -13.22 2.51 13.11
CA LEU A 101 -12.28 3.47 12.54
C LEU A 101 -11.13 2.73 11.81
N LEU A 102 -10.98 2.98 10.51
CA LEU A 102 -9.83 2.46 9.74
C LEU A 102 -8.69 3.47 9.69
N ILE A 103 -7.54 3.04 10.21
CA ILE A 103 -6.30 3.78 10.04
C ILE A 103 -5.51 3.24 8.83
N ILE A 104 -5.29 4.14 7.88
CA ILE A 104 -4.71 3.78 6.61
C ILE A 104 -3.41 4.59 6.38
N LYS A 105 -2.30 3.88 6.16
CA LYS A 105 -1.07 4.54 5.76
C LYS A 105 -1.16 4.92 4.30
N ASN A 106 -0.66 6.10 3.95
CA ASN A 106 -0.80 6.60 2.62
C ASN A 106 0.12 5.91 1.60
N TYR A 107 -0.32 4.79 1.05
CA TYR A 107 0.33 4.21 -0.13
C TYR A 107 -0.76 3.94 -1.13
N THR A 108 -0.44 3.96 -2.41
CA THR A 108 -1.49 3.78 -3.43
C THR A 108 -2.25 2.54 -3.09
N GLY A 109 -1.54 1.45 -2.81
CA GLY A 109 -2.22 0.21 -2.52
C GLY A 109 -3.06 0.17 -1.25
N ASP A 110 -2.55 0.73 -0.16
CA ASP A 110 -3.27 0.71 1.10
C ASP A 110 -4.52 1.56 0.93
N ILE A 111 -4.35 2.77 0.37
CA ILE A 111 -5.48 3.61 0.11
C ILE A 111 -6.56 2.85 -0.69
N LEU A 112 -6.21 2.27 -1.83
CA LEU A 112 -7.24 1.71 -2.69
C LEU A 112 -7.96 0.52 -2.09
N ASN A 113 -7.21 -0.42 -1.51
CA ASN A 113 -7.76 -1.57 -0.80
C ASN A 113 -8.56 -1.17 0.45
N PHE A 114 -8.01 -0.31 1.28
CA PHE A 114 -8.80 0.13 2.43
C PHE A 114 -10.08 0.90 1.99
N GLU A 115 -9.97 1.68 0.93
CA GLU A 115 -11.16 2.35 0.39
C GLU A 115 -12.21 1.35 -0.07
N THR A 116 -11.82 0.38 -0.89
CA THR A 116 -12.79 -0.63 -1.35
C THR A 116 -13.47 -1.28 -0.15
N ALA A 117 -12.69 -1.63 0.85
CA ALA A 117 -13.20 -2.18 2.11
C ALA A 117 -14.17 -1.26 2.94
N THR A 118 -13.84 0.02 3.06
CA THR A 118 -14.68 0.98 3.75
C THR A 118 -16.09 0.99 3.15
N GLU A 119 -16.16 0.93 1.81
CA GLU A 119 -17.44 0.97 1.10
C GLU A 119 -18.24 -0.33 1.32
N LEU A 120 -17.56 -1.48 1.26
CA LEU A 120 -18.20 -2.73 1.60
C LEU A 120 -18.79 -2.69 2.99
N LEU A 121 -18.09 -2.07 3.94
CA LEU A 121 -18.57 -2.01 5.31
C LEU A 121 -19.83 -1.14 5.46
N HIS A 122 -19.76 0.06 4.90
CA HIS A 122 -20.88 0.97 4.81
C HIS A 122 -22.12 0.26 4.24
N ASP A 123 -21.90 -0.52 3.19
CA ASP A 123 -22.95 -1.21 2.48
C ASP A 123 -23.46 -2.40 3.24
N SER A 124 -22.76 -2.74 4.30
CA SER A 124 -23.22 -3.76 5.21
C SER A 124 -23.89 -3.17 6.46
N GLY A 125 -24.03 -1.85 6.49
CA GLY A 125 -24.72 -1.19 7.62
C GLY A 125 -23.77 -0.82 8.75
N VAL A 126 -22.48 -1.14 8.55
CA VAL A 126 -21.50 -0.83 9.58
C VAL A 126 -21.18 0.67 9.54
N LYS A 127 -21.26 1.34 10.67
CA LYS A 127 -20.82 2.73 10.72
C LYS A 127 -19.28 2.71 10.67
N VAL A 128 -18.70 3.52 9.81
CA VAL A 128 -17.27 3.46 9.59
C VAL A 128 -16.74 4.78 9.06
N THR A 129 -15.55 5.16 9.48
CA THR A 129 -14.85 6.21 8.77
C THR A 129 -13.32 5.96 8.81
N THR A 130 -12.51 6.95 8.43
CA THR A 130 -11.12 6.67 8.07
C THR A 130 -10.21 7.77 8.56
N VAL A 131 -8.94 7.41 8.82
CA VAL A 131 -7.87 8.38 9.00
C VAL A 131 -6.71 7.99 8.11
N VAL A 132 -6.20 8.93 7.34
CA VAL A 132 -5.05 8.63 6.49
C VAL A 132 -3.75 9.15 7.11
N ILE A 133 -2.71 8.31 7.15
CA ILE A 133 -1.41 8.77 7.69
C ILE A 133 -0.37 9.07 6.61
N ASP A 134 0.13 10.30 6.59
CA ASP A 134 1.12 10.68 5.59
C ASP A 134 2.23 11.52 6.21
N ASP A 135 2.89 10.99 7.25
CA ASP A 135 3.86 11.74 8.04
C ASP A 135 5.25 11.87 7.44
N ASP A 136 5.55 11.07 6.43
CA ASP A 136 6.92 11.03 5.92
C ASP A 136 7.22 12.30 5.11
N VAL A 137 8.07 13.18 5.63
CA VAL A 137 8.33 14.45 4.93
C VAL A 137 9.32 14.32 3.74
N ALA A 138 9.95 13.16 3.55
CA ALA A 138 10.99 13.07 2.48
C ALA A 138 10.51 13.46 1.08
N VAL A 139 9.40 12.91 0.64
CA VAL A 139 8.79 13.29 -0.64
C VAL A 139 8.18 14.71 -0.49
N LYS A 140 8.92 15.75 -0.90
CA LYS A 140 8.64 17.11 -0.43
C LYS A 140 7.26 17.62 -0.85
N ASP A 141 6.84 17.19 -2.02
CA ASP A 141 5.79 17.87 -2.71
C ASP A 141 4.76 16.90 -3.29
N SER A 142 3.48 17.07 -2.94
CA SER A 142 2.47 16.14 -3.46
C SER A 142 1.99 16.46 -4.88
N LEU A 143 2.50 17.53 -5.48
CA LEU A 143 1.94 17.98 -6.76
C LEU A 143 2.01 16.92 -7.88
N TYR A 144 3.20 16.37 -8.07
CA TYR A 144 3.43 15.39 -9.12
C TYR A 144 4.01 14.09 -8.54
N THR A 145 3.44 13.65 -7.40
CA THR A 145 3.79 12.39 -6.75
C THR A 145 2.52 11.78 -6.20
N ALA A 146 2.59 10.53 -5.70
CA ALA A 146 1.44 9.88 -5.14
C ALA A 146 1.07 10.46 -3.77
N GLY A 147 1.92 11.33 -3.23
CA GLY A 147 1.68 11.90 -1.91
C GLY A 147 2.66 11.36 -0.90
N ARG A 148 2.80 12.01 0.26
CA ARG A 148 3.73 11.56 1.30
C ARG A 148 3.34 10.18 1.88
N ARG A 149 4.35 9.36 2.19
CA ARG A 149 4.12 8.01 2.74
C ARG A 149 3.70 8.04 4.21
N GLY A 150 2.90 7.06 4.61
CA GLY A 150 2.67 6.80 6.03
C GLY A 150 3.72 5.86 6.62
N VAL A 151 4.48 6.37 7.58
CA VAL A 151 5.56 5.59 8.22
C VAL A 151 5.34 5.59 9.72
N ALA A 152 6.40 5.78 10.54
CA ALA A 152 6.35 5.51 11.99
C ALA A 152 5.32 6.27 12.84
N ASN A 153 4.93 7.47 12.41
CA ASN A 153 3.92 8.20 13.14
C ASN A 153 2.59 7.45 13.23
N THR A 154 2.39 6.47 12.36
CA THR A 154 1.21 5.61 12.42
C THR A 154 1.10 5.00 13.82
N VAL A 155 2.25 4.70 14.44
CA VAL A 155 2.23 4.09 15.77
C VAL A 155 1.75 5.04 16.85
N LEU A 156 2.30 6.25 16.86
CA LEU A 156 1.87 7.27 17.82
C LEU A 156 0.40 7.60 17.68
N ILE A 157 -0.07 7.75 16.44
CA ILE A 157 -1.49 7.96 16.21
C ILE A 157 -2.37 6.75 16.59
N GLU A 158 -1.92 5.53 16.31
CA GLU A 158 -2.74 4.40 16.73
C GLU A 158 -2.89 4.31 18.24
N LYS A 159 -1.84 4.71 18.99
CA LYS A 159 -1.87 4.70 20.44
C LYS A 159 -2.86 5.78 20.99
N LEU A 160 -2.67 7.02 20.56
CA LEU A 160 -3.46 8.16 21.00
C LEU A 160 -4.96 8.00 20.66
N VAL A 161 -5.25 7.69 19.41
CA VAL A 161 -6.61 7.41 18.99
C VAL A 161 -7.13 6.14 19.66
N GLY A 162 -6.24 5.18 19.94
CA GLY A 162 -6.65 3.96 20.64
C GLY A 162 -7.07 4.25 22.09
N ALA A 163 -6.40 5.22 22.71
CA ALA A 163 -6.71 5.71 24.05
C ALA A 163 -8.08 6.41 24.10
N ALA A 164 -8.37 7.28 23.13
CA ALA A 164 -9.65 7.93 23.01
C ALA A 164 -10.75 6.90 22.77
N ALA A 165 -10.52 5.95 21.87
CA ALA A 165 -11.53 4.92 21.64
C ALA A 165 -11.88 4.16 22.96
N GLU A 166 -10.84 3.90 23.75
CA GLU A 166 -10.96 3.18 25.01
C GLU A 166 -11.60 4.05 26.10
N ARG A 167 -11.36 5.36 26.04
CA ARG A 167 -11.88 6.34 26.98
C ARG A 167 -13.42 6.40 26.77
N GLY A 168 -13.87 6.07 25.58
CA GLY A 168 -15.29 5.96 25.28
C GLY A 168 -15.75 6.95 24.25
N ASP A 169 -14.78 7.71 23.70
CA ASP A 169 -15.04 8.73 22.64
C ASP A 169 -15.72 8.16 21.41
N SER A 170 -16.53 8.99 20.76
CA SER A 170 -17.30 8.58 19.58
C SER A 170 -16.45 8.44 18.31
N LEU A 171 -16.99 7.71 17.34
CA LEU A 171 -16.33 7.58 16.06
C LEU A 171 -15.81 8.93 15.58
N ASP A 172 -16.66 9.93 15.55
CA ASP A 172 -16.31 11.23 15.00
C ASP A 172 -15.19 11.90 15.76
N ALA A 173 -15.27 11.87 17.09
CA ALA A 173 -14.23 12.48 17.91
C ALA A 173 -12.93 11.72 17.77
N CYS A 174 -13.01 10.39 17.63
CA CYS A 174 -11.82 9.60 17.25
C CYS A 174 -11.22 10.02 15.91
N ALA A 175 -12.05 10.04 14.86
CA ALA A 175 -11.57 10.38 13.54
C ALA A 175 -10.94 11.76 13.57
N GLU A 176 -11.61 12.73 14.18
CA GLU A 176 -11.15 14.08 14.11
C GLU A 176 -9.83 14.19 14.88
N LEU A 177 -9.74 13.46 15.98
CA LEU A 177 -8.47 13.39 16.72
C LEU A 177 -7.33 12.83 15.83
N GLY A 178 -7.55 11.69 15.18
CA GLY A 178 -6.53 11.13 14.27
C GLY A 178 -6.08 12.07 13.17
N ARG A 179 -7.04 12.75 12.56
CA ARG A 179 -6.76 13.66 11.46
C ARG A 179 -6.00 14.92 11.89
N LYS A 180 -6.36 15.45 13.06
CA LYS A 180 -5.59 16.53 13.68
C LYS A 180 -4.14 16.14 13.96
N LEU A 181 -3.93 14.97 14.57
CA LEU A 181 -2.60 14.48 14.89
C LEU A 181 -1.83 14.23 13.57
N ASN A 182 -2.50 13.64 12.59
CA ASN A 182 -1.84 13.44 11.32
C ASN A 182 -1.32 14.76 10.83
N ASN A 183 -2.01 15.85 11.14
CA ASN A 183 -1.58 17.14 10.60
C ASN A 183 -0.38 17.84 11.23
N GLN A 184 0.14 17.30 12.34
CA GLN A 184 1.22 17.96 13.06
C GLN A 184 2.27 16.90 13.48
N GLY A 185 2.17 15.70 12.88
CA GLY A 185 3.20 14.67 13.10
C GLY A 185 4.15 14.66 11.91
N HIS A 186 5.45 14.54 12.18
CA HIS A 186 6.50 14.63 11.14
C HIS A 186 7.59 13.55 11.26
N SER A 187 7.81 12.77 10.19
CA SER A 187 8.83 11.71 10.17
C SER A 187 9.87 11.77 9.04
N ILE A 188 11.02 11.16 9.28
CA ILE A 188 12.02 10.98 8.24
C ILE A 188 12.91 9.78 8.58
N GLY A 189 13.30 9.03 7.55
CA GLY A 189 14.11 7.83 7.76
C GLY A 189 15.35 7.82 6.88
N ILE A 190 16.38 7.07 7.28
CA ILE A 190 17.54 6.92 6.41
C ILE A 190 17.93 5.43 6.45
N ALA A 191 18.60 4.90 5.42
CA ALA A 191 19.07 3.52 5.53
C ALA A 191 20.56 3.50 5.30
N LEU A 192 21.26 2.67 6.07
CA LEU A 192 22.66 2.48 5.82
C LEU A 192 22.82 1.19 5.05
N GLY A 193 21.80 0.33 5.09
CA GLY A 193 21.87 -0.94 4.40
C GLY A 193 20.47 -1.39 4.08
N ALA A 194 20.31 -2.03 2.93
CA ALA A 194 18.97 -2.41 2.45
C ALA A 194 18.48 -3.67 3.15
N CYS A 195 17.16 -3.86 3.17
CA CYS A 195 16.57 -5.14 3.64
C CYS A 195 16.59 -6.15 2.52
N THR A 196 16.41 -7.44 2.84
CA THR A 196 16.24 -8.45 1.81
C THR A 196 14.93 -9.13 2.07
N VAL A 197 14.03 -9.15 1.11
CA VAL A 197 12.78 -9.90 1.31
C VAL A 197 13.02 -11.43 1.17
N PRO A 198 12.21 -12.25 1.84
CA PRO A 198 12.50 -13.70 1.83
C PRO A 198 12.61 -14.31 0.42
N ALA A 199 11.80 -13.83 -0.52
CA ALA A 199 11.87 -14.36 -1.88
C ALA A 199 13.02 -13.79 -2.72
N ALA A 200 14.12 -13.30 -2.15
CA ALA A 200 14.95 -12.48 -3.01
C ALA A 200 16.40 -12.86 -3.19
N GLY A 201 17.09 -13.23 -2.14
CA GLY A 201 18.52 -13.51 -2.31
C GLY A 201 19.41 -12.34 -2.73
N LYS A 202 18.83 -11.17 -3.03
CA LYS A 202 19.63 -9.93 -3.14
C LYS A 202 18.91 -8.80 -2.41
N PRO A 203 19.68 -7.87 -1.80
CA PRO A 203 19.04 -6.75 -1.11
C PRO A 203 18.34 -5.80 -2.06
N SER A 204 17.43 -4.99 -1.52
CA SER A 204 16.63 -4.10 -2.34
C SER A 204 17.40 -2.99 -3.02
N PHE A 205 18.63 -2.73 -2.56
CA PHE A 205 19.51 -1.75 -3.16
C PHE A 205 20.89 -1.96 -2.54
N THR A 206 21.96 -1.67 -3.28
CA THR A 206 23.31 -1.67 -2.70
C THR A 206 23.89 -0.28 -2.52
N LEU A 207 24.93 -0.21 -1.72
CA LEU A 207 25.36 1.03 -1.09
C LEU A 207 26.85 0.90 -0.67
N ALA A 208 27.66 1.93 -0.93
CA ALA A 208 29.09 1.89 -0.52
C ALA A 208 29.18 2.31 0.92
N ASP A 209 30.33 2.09 1.55
CA ASP A 209 30.44 2.31 2.99
C ASP A 209 30.30 3.76 3.38
N ASN A 210 30.48 4.67 2.42
CA ASN A 210 30.34 6.09 2.70
C ASN A 210 29.05 6.68 2.13
N GLU A 211 28.07 5.83 1.90
CA GLU A 211 26.82 6.27 1.31
C GLU A 211 25.61 5.90 2.15
N MET A 212 24.58 6.73 2.08
CA MET A 212 23.30 6.38 2.66
C MET A 212 22.11 6.66 1.74
N GLU A 213 21.04 5.93 1.97
CA GLU A 213 19.78 6.23 1.34
C GLU A 213 19.08 7.23 2.28
N PHE A 214 18.86 8.45 1.80
CA PHE A 214 18.27 9.44 2.65
C PHE A 214 16.76 9.58 2.29
N GLY A 215 15.83 9.63 3.27
CA GLY A 215 14.42 9.80 2.94
C GLY A 215 13.81 8.51 2.39
N VAL A 216 14.02 7.44 3.13
CA VAL A 216 13.52 6.10 2.91
C VAL A 216 12.13 5.94 3.65
N GLY A 217 11.29 5.02 3.18
CA GLY A 217 10.05 4.73 3.90
C GLY A 217 10.20 3.40 4.59
N ILE A 218 9.29 2.46 4.33
CA ILE A 218 9.31 1.21 5.07
C ILE A 218 9.27 -0.04 4.21
N HIS A 219 9.16 0.10 2.88
CA HIS A 219 9.06 -1.07 2.01
C HIS A 219 10.33 -1.33 1.25
N GLY A 220 11.44 -0.74 1.66
CA GLY A 220 12.70 -1.00 1.03
C GLY A 220 13.07 -0.32 -0.28
N GLU A 221 12.19 0.50 -0.86
CA GLU A 221 12.51 1.36 -2.01
C GLU A 221 13.69 2.25 -1.70
N PRO A 222 14.46 2.63 -2.73
CA PRO A 222 15.46 3.68 -2.49
C PRO A 222 14.79 4.93 -1.90
N GLY A 223 15.54 5.75 -1.19
CA GLY A 223 14.97 7.00 -0.70
C GLY A 223 14.97 8.11 -1.76
N ILE A 224 14.80 9.33 -1.29
CA ILE A 224 14.68 10.44 -2.24
C ILE A 224 16.05 10.82 -2.75
N ASP A 225 17.10 10.51 -2.02
CA ASP A 225 18.41 10.53 -2.65
C ASP A 225 19.45 9.65 -1.95
N ARG A 226 20.53 9.37 -2.67
CA ARG A 226 21.69 8.63 -2.20
C ARG A 226 22.76 9.70 -1.94
N ARG A 227 23.23 9.82 -0.71
CA ARG A 227 24.15 10.89 -0.34
C ARG A 227 25.25 10.34 0.59
N PRO A 228 26.35 11.11 0.76
CA PRO A 228 27.42 10.60 1.61
C PRO A 228 26.95 10.40 3.05
N PHE A 229 27.44 9.32 3.67
CA PHE A 229 27.30 9.10 5.08
C PHE A 229 28.60 9.44 5.78
N SER A 230 28.54 10.30 6.78
CA SER A 230 29.74 10.77 7.46
C SER A 230 29.75 10.48 8.98
N SER A 231 28.68 10.82 9.70
CA SER A 231 28.66 10.59 11.14
C SER A 231 27.23 10.53 11.63
N LEU A 232 27.06 10.06 12.87
CA LEU A 232 25.77 10.17 13.55
C LEU A 232 25.26 11.61 13.56
N ASP A 233 26.11 12.55 13.97
CA ASP A 233 25.67 13.95 14.15
C ASP A 233 25.19 14.59 12.83
N GLN A 234 26.03 14.48 11.82
CA GLN A 234 25.72 14.81 10.45
C GLN A 234 24.37 14.23 9.98
N THR A 235 24.22 12.91 10.11
CA THR A 235 23.02 12.23 9.64
C THR A 235 21.80 12.77 10.33
N VAL A 236 21.84 12.78 11.67
CA VAL A 236 20.73 13.30 12.47
C VAL A 236 20.44 14.82 12.18
N ASP A 237 21.50 15.59 11.91
CA ASP A 237 21.32 17.02 11.59
C ASP A 237 20.58 17.20 10.24
N GLU A 238 20.92 16.40 9.24
CA GLU A 238 20.29 16.54 7.93
C GLU A 238 18.82 16.17 8.01
N MET A 239 18.55 15.09 8.73
CA MET A 239 17.19 14.59 8.95
C MET A 239 16.34 15.62 9.67
N PHE A 240 16.88 16.16 10.75
CA PHE A 240 16.14 17.11 11.54
C PHE A 240 15.89 18.38 10.75
N ASP A 241 16.87 18.80 9.96
CA ASP A 241 16.75 20.07 9.25
C ASP A 241 15.71 19.90 8.17
N THR A 242 15.49 18.65 7.75
CA THR A 242 14.53 18.35 6.71
C THR A 242 13.14 18.26 7.33
N LEU A 243 13.04 17.70 8.54
CA LEU A 243 11.77 17.76 9.25
C LEU A 243 11.24 19.21 9.26
N LEU A 244 12.13 20.16 9.49
CA LEU A 244 11.71 21.57 9.53
C LEU A 244 11.43 22.18 8.18
N VAL A 245 12.40 22.16 7.27
CA VAL A 245 12.14 22.75 5.95
C VAL A 245 11.02 22.12 5.12
N ASN A 246 10.75 20.83 5.29
CA ASN A 246 9.66 20.17 4.52
C ASN A 246 8.38 20.09 5.39
N GLY A 247 8.36 20.79 6.50
CA GLY A 247 7.25 20.74 7.46
C GLY A 247 5.95 21.25 6.87
N SER A 248 6.02 22.38 6.15
CA SER A 248 4.90 22.87 5.33
C SER A 248 4.50 21.84 4.28
N TYR A 249 3.22 21.52 4.20
CA TYR A 249 2.74 20.55 3.24
C TYR A 249 1.25 20.78 2.93
N HIS A 250 0.92 20.80 1.65
CA HIS A 250 -0.50 20.89 1.28
C HIS A 250 -0.90 19.72 0.41
N ARG A 251 -2.08 19.17 0.65
CA ARG A 251 -2.54 18.02 -0.13
C ARG A 251 -4.02 17.74 0.14
N THR A 252 -4.59 16.85 -0.65
CA THR A 252 -5.95 16.41 -0.43
C THR A 252 -6.00 14.96 0.10
N LEU A 253 -6.66 14.77 1.24
CA LEU A 253 -6.91 13.45 1.80
C LEU A 253 -8.42 13.19 1.81
N ARG A 254 -8.82 12.01 1.36
CA ARG A 254 -10.23 11.62 1.36
C ARG A 254 -10.60 10.84 2.61
N PHE A 255 -11.72 11.20 3.23
CA PHE A 255 -12.26 10.42 4.35
C PHE A 255 -13.70 10.05 4.05
N TRP A 256 -14.16 8.91 4.55
CA TRP A 256 -15.52 8.45 4.32
C TRP A 256 -16.49 9.31 5.14
N ASP A 257 -17.46 9.91 4.47
CA ASP A 257 -18.58 10.53 5.17
C ASP A 257 -19.66 9.47 5.29
N TYR A 258 -19.87 8.91 6.48
CA TYR A 258 -20.80 7.81 6.57
C TYR A 258 -22.25 8.29 6.48
N GLN A 259 -22.46 9.59 6.68
CA GLN A 259 -23.78 10.18 6.55
C GLN A 259 -24.19 10.32 5.11
N GLN A 260 -23.39 11.04 4.31
CA GLN A 260 -23.52 11.04 2.84
C GLN A 260 -23.40 9.66 2.19
N GLY A 261 -22.51 8.81 2.71
CA GLY A 261 -22.19 7.56 2.03
C GLY A 261 -21.29 7.83 0.83
N SER A 262 -20.32 8.72 1.00
CA SER A 262 -19.40 9.06 -0.07
C SER A 262 -18.05 9.62 0.42
N TRP A 263 -17.05 9.57 -0.46
CA TRP A 263 -15.73 10.12 -0.17
C TRP A 263 -15.77 11.63 -0.15
N GLN A 264 -15.18 12.20 0.89
CA GLN A 264 -15.11 13.65 1.04
C GLN A 264 -13.68 14.14 0.84
N GLU A 265 -13.40 14.85 -0.23
CA GLU A 265 -12.06 15.41 -0.35
C GLU A 265 -11.91 16.42 0.76
N GLU A 266 -10.73 16.52 1.32
CA GLU A 266 -10.43 17.51 2.30
C GLU A 266 -9.04 18.06 2.02
N GLN A 267 -8.95 19.28 1.50
CA GLN A 267 -7.64 19.91 1.32
C GLN A 267 -7.19 20.46 2.66
N GLN A 268 -6.00 20.04 3.09
CA GLN A 268 -5.47 20.42 4.40
C GLN A 268 -4.01 20.72 4.31
N THR A 269 -3.59 21.67 5.13
CA THR A 269 -2.21 22.10 5.12
C THR A 269 -1.51 21.85 6.44
N LYS A 270 -0.23 21.49 6.40
CA LYS A 270 0.55 21.31 7.60
C LYS A 270 1.51 22.48 7.74
N GLN A 271 1.71 22.92 8.99
CA GLN A 271 2.75 23.90 9.40
C GLN A 271 4.02 23.19 9.80
N PRO A 272 5.18 23.82 9.57
CA PRO A 272 6.34 23.20 10.16
C PRO A 272 6.27 23.33 11.67
N LEU A 273 6.93 22.41 12.38
CA LEU A 273 7.04 22.51 13.80
C LEU A 273 7.70 23.85 14.09
N GLN A 274 7.27 24.50 15.15
CA GLN A 274 7.84 25.79 15.51
C GLN A 274 8.27 25.99 16.94
N SER A 275 9.16 26.95 17.12
CA SER A 275 9.62 27.32 18.44
C SER A 275 8.42 27.38 19.38
N GLY A 276 8.49 26.68 20.51
CA GLY A 276 7.42 26.69 21.49
C GLY A 276 6.47 25.49 21.43
N ASP A 277 6.53 24.69 20.37
CA ASP A 277 5.77 23.43 20.31
C ASP A 277 6.31 22.36 21.28
N ARG A 278 5.42 21.48 21.73
CA ARG A 278 5.80 20.38 22.59
C ARG A 278 5.58 19.10 21.81
N VAL A 279 6.51 18.13 21.91
CA VAL A 279 6.44 16.99 21.03
C VAL A 279 6.62 15.66 21.74
N ILE A 280 6.12 14.60 21.12
CA ILE A 280 6.54 13.24 21.44
C ILE A 280 7.55 12.86 20.37
N ALA A 281 8.71 12.34 20.80
CA ALA A 281 9.75 11.93 19.88
C ALA A 281 9.75 10.41 19.83
N LEU A 282 9.74 9.84 18.61
CA LEU A 282 9.93 8.40 18.41
C LEU A 282 11.22 8.18 17.59
N VAL A 283 12.19 7.48 18.19
CA VAL A 283 13.42 7.12 17.51
C VAL A 283 13.30 5.62 17.22
N ASN A 284 13.17 5.32 15.94
CA ASN A 284 12.61 4.08 15.50
C ASN A 284 13.65 3.34 14.71
N ASN A 285 13.98 2.14 15.18
CA ASN A 285 14.85 1.24 14.47
C ASN A 285 14.13 0.70 13.22
N LEU A 286 14.78 0.77 12.05
CA LEU A 286 14.12 0.23 10.86
C LEU A 286 14.32 -1.28 10.75
N GLY A 287 15.11 -1.85 11.65
CA GLY A 287 15.21 -3.30 11.75
C GLY A 287 16.55 -3.79 12.27
N ALA A 288 17.67 -3.27 11.80
CA ALA A 288 18.91 -3.86 12.23
C ALA A 288 19.90 -2.90 12.88
N THR A 289 19.46 -1.72 13.34
CA THR A 289 20.32 -0.83 14.12
C THR A 289 20.32 -1.19 15.62
N PRO A 290 21.52 -1.29 16.21
CA PRO A 290 21.68 -1.54 17.65
C PRO A 290 20.93 -0.52 18.49
N LEU A 291 20.25 -0.98 19.53
CA LEU A 291 19.57 -0.08 20.45
C LEU A 291 20.50 1.03 20.95
N SER A 292 21.77 0.69 21.19
CA SER A 292 22.74 1.64 21.69
C SER A 292 22.86 2.83 20.77
N GLU A 293 22.87 2.57 19.45
CA GLU A 293 22.97 3.63 18.46
C GLU A 293 21.75 4.52 18.43
N LEU A 294 20.57 3.95 18.60
CA LEU A 294 19.35 4.77 18.78
C LEU A 294 19.42 5.77 19.99
N TYR A 295 20.02 5.33 21.10
CA TYR A 295 20.29 6.24 22.19
C TYR A 295 21.29 7.32 21.80
N GLY A 296 22.26 6.98 20.94
CA GLY A 296 23.18 7.99 20.47
C GLY A 296 22.47 9.00 19.58
N VAL A 297 21.52 8.50 18.79
CA VAL A 297 20.66 9.34 17.97
C VAL A 297 19.80 10.25 18.86
N TYR A 298 19.20 9.67 19.89
CA TYR A 298 18.40 10.49 20.80
C TYR A 298 19.22 11.62 21.46
N ASN A 299 20.44 11.31 21.89
CA ASN A 299 21.31 12.33 22.45
C ASN A 299 21.39 13.55 21.54
N ARG A 300 21.67 13.31 20.26
CA ARG A 300 21.80 14.41 19.32
C ARG A 300 20.48 15.12 19.06
N LEU A 301 19.41 14.34 18.99
CA LEU A 301 18.09 14.86 18.67
C LEU A 301 17.65 15.84 19.74
N THR A 302 17.95 15.53 21.01
CA THR A 302 17.51 16.39 22.11
C THR A 302 18.17 17.76 21.99
N THR A 303 19.44 17.78 21.63
CA THR A 303 20.19 19.01 21.38
C THR A 303 19.54 19.88 20.31
N ARG A 304 19.21 19.27 19.16
CA ARG A 304 18.62 19.95 18.02
C ARG A 304 17.22 20.42 18.39
N CYS A 305 16.49 19.60 19.15
CA CYS A 305 15.17 20.06 19.60
C CYS A 305 15.29 21.31 20.47
N GLN A 306 16.18 21.29 21.48
CA GLN A 306 16.37 22.42 22.37
C GLN A 306 16.72 23.66 21.55
N GLN A 307 17.57 23.48 20.56
CA GLN A 307 18.05 24.62 19.78
C GLN A 307 16.96 25.28 18.94
N ALA A 308 15.96 24.48 18.57
CA ALA A 308 14.87 24.88 17.65
C ALA A 308 13.64 25.32 18.45
N GLY A 309 13.71 25.22 19.77
CA GLY A 309 12.63 25.67 20.65
C GLY A 309 11.57 24.63 20.95
N LEU A 310 11.86 23.36 20.66
CA LEU A 310 10.89 22.26 20.86
C LEU A 310 11.17 21.53 22.15
N THR A 311 10.10 21.19 22.86
CA THR A 311 10.22 20.48 24.13
C THR A 311 9.71 19.07 23.96
N ILE A 312 10.59 18.08 24.11
CA ILE A 312 10.19 16.68 24.04
C ILE A 312 9.56 16.30 25.35
N GLU A 313 8.28 15.91 25.35
CA GLU A 313 7.59 15.57 26.60
C GLU A 313 7.56 14.08 26.90
N ARG A 314 7.55 13.30 25.83
CA ARG A 314 7.63 11.84 25.92
C ARG A 314 8.49 11.37 24.75
N ASN A 315 8.98 10.15 24.87
CA ASN A 315 9.75 9.55 23.80
C ASN A 315 9.51 8.06 23.78
N LEU A 316 9.81 7.44 22.64
CA LEU A 316 9.90 6.00 22.50
C LEU A 316 11.22 5.81 21.77
N ILE A 317 12.00 4.82 22.18
CA ILE A 317 13.26 4.51 21.51
C ILE A 317 13.32 3.01 21.36
N GLY A 318 13.31 2.53 20.13
CA GLY A 318 13.21 1.10 19.88
C GLY A 318 12.73 0.78 18.48
N ALA A 319 12.37 -0.48 18.28
CA ALA A 319 11.95 -1.02 17.02
C ALA A 319 10.42 -1.12 17.02
N TYR A 320 9.78 -0.11 16.42
CA TYR A 320 8.33 0.04 16.42
C TYR A 320 7.66 -0.07 15.02
N CYS A 321 8.38 0.26 13.96
CA CYS A 321 7.79 0.26 12.61
C CYS A 321 8.93 -0.02 11.68
N THR A 322 9.05 -1.26 11.25
CA THR A 322 10.25 -1.67 10.64
C THR A 322 10.12 -1.94 9.13
N SER A 323 11.26 -2.32 8.60
CA SER A 323 11.41 -2.75 7.22
C SER A 323 12.29 -4.02 7.23
N LEU A 324 11.73 -5.17 7.62
CA LEU A 324 12.55 -6.40 7.75
C LEU A 324 13.89 -6.14 8.43
N ASP A 325 14.99 -6.50 7.74
CA ASP A 325 16.35 -6.46 8.28
C ASP A 325 17.15 -5.21 7.85
N MET A 326 16.42 -4.15 7.47
CA MET A 326 17.06 -2.89 7.12
C MET A 326 17.91 -2.27 8.26
N THR A 327 19.14 -1.90 7.94
CA THR A 327 19.99 -1.09 8.83
C THR A 327 19.62 0.39 8.62
N GLY A 328 18.86 0.96 9.58
CA GLY A 328 18.58 2.39 9.58
C GLY A 328 17.60 2.70 10.65
N PHE A 329 17.11 3.94 10.64
CA PHE A 329 16.21 4.41 11.68
C PHE A 329 15.49 5.60 11.11
N SER A 330 14.38 5.92 11.76
CA SER A 330 13.63 7.06 11.44
C SER A 330 13.42 7.85 12.73
N ILE A 331 13.25 9.17 12.54
CA ILE A 331 12.83 10.08 13.61
C ILE A 331 11.44 10.62 13.32
N THR A 332 10.56 10.57 14.32
CA THR A 332 9.22 11.12 14.25
C THR A 332 9.04 12.14 15.39
N LEU A 333 8.57 13.34 15.05
CA LEU A 333 8.18 14.31 16.05
C LEU A 333 6.70 14.67 15.88
N LEU A 334 5.90 14.39 16.91
CA LEU A 334 4.45 14.63 16.90
C LEU A 334 4.13 15.72 17.91
N LYS A 335 3.54 16.82 17.44
CA LYS A 335 3.21 17.92 18.34
C LYS A 335 2.02 17.59 19.23
N VAL A 336 2.11 17.96 20.50
CA VAL A 336 1.11 17.58 21.49
C VAL A 336 0.66 18.73 22.40
N ASP A 337 -0.40 18.45 23.15
CA ASP A 337 -0.84 19.34 24.20
C ASP A 337 -1.20 18.48 25.40
N ASP A 338 -1.60 19.10 26.51
CA ASP A 338 -1.91 18.36 27.72
C ASP A 338 -2.95 17.27 27.48
N GLU A 339 -3.93 17.55 26.66
CA GLU A 339 -4.94 16.54 26.41
C GLU A 339 -4.42 15.35 25.64
N THR A 340 -3.47 15.60 24.74
CA THR A 340 -2.87 14.52 23.97
C THR A 340 -1.92 13.71 24.88
N LEU A 341 -1.16 14.41 25.73
CA LEU A 341 -0.30 13.75 26.72
C LEU A 341 -1.04 12.82 27.67
N ALA A 342 -2.26 13.22 28.03
CA ALA A 342 -3.14 12.42 28.86
C ALA A 342 -3.52 11.11 28.18
N LEU A 343 -3.88 11.17 26.90
CA LEU A 343 -4.02 9.96 26.06
C LEU A 343 -2.74 9.14 25.88
N TRP A 344 -1.60 9.81 25.74
CA TRP A 344 -0.34 9.06 25.71
C TRP A 344 -0.19 8.22 26.98
N ASP A 345 -0.42 8.84 28.15
CA ASP A 345 -0.10 8.16 29.41
C ASP A 345 -1.17 7.13 29.75
N ALA A 346 -2.26 7.11 28.99
CA ALA A 346 -3.36 6.19 29.35
C ALA A 346 -2.95 4.71 29.13
N PRO A 347 -3.57 3.77 29.88
CA PRO A 347 -3.14 2.39 29.72
C PRO A 347 -3.07 1.91 28.26
N VAL A 348 -2.07 1.09 27.94
CA VAL A 348 -2.10 0.33 26.67
C VAL A 348 -1.57 -1.09 26.92
N HIS A 349 -2.28 -2.11 26.42
CA HIS A 349 -1.83 -3.49 26.64
C HIS A 349 -1.75 -4.28 25.34
N THR A 350 -0.60 -4.13 24.67
CA THR A 350 -0.34 -4.81 23.36
C THR A 350 0.98 -5.56 23.46
N PRO A 351 1.21 -6.52 22.54
CA PRO A 351 2.55 -7.18 22.49
C PRO A 351 3.72 -6.17 22.45
N ALA A 352 3.59 -5.07 21.72
CA ALA A 352 4.75 -4.16 21.58
C ALA A 352 4.78 -2.99 22.54
N LEU A 353 3.61 -2.62 23.07
CA LEU A 353 3.49 -1.43 23.92
C LEU A 353 2.62 -1.80 25.12
N ASN A 354 3.09 -1.46 26.31
CA ASN A 354 2.37 -1.91 27.49
C ASN A 354 2.66 -1.09 28.72
N TRP A 355 1.63 -0.41 29.25
CA TRP A 355 1.75 0.33 30.50
C TRP A 355 0.40 0.68 31.09
N GLY A 356 0.42 1.00 32.40
CA GLY A 356 -0.77 1.32 33.19
C GLY A 356 -1.68 0.16 33.62
N LYS A 357 -2.78 0.51 34.28
CA LYS A 357 -3.98 -0.37 34.37
C LYS A 357 -3.76 -1.81 34.75
N GLY B 1 -18.72 -13.39 -39.51
CA GLY B 1 -17.98 -12.14 -39.18
C GLY B 1 -16.95 -12.34 -38.06
N SER B 2 -15.96 -11.44 -38.02
CA SER B 2 -14.79 -11.63 -37.16
C SER B 2 -15.13 -11.40 -35.69
N SER B 3 -14.91 -12.41 -34.88
CA SER B 3 -15.27 -12.27 -33.47
C SER B 3 -14.28 -12.99 -32.53
N LEU B 4 -14.37 -12.71 -31.25
CA LEU B 4 -13.48 -13.32 -30.24
C LEU B 4 -14.38 -14.15 -29.38
N SER B 5 -14.13 -15.45 -29.32
CA SER B 5 -15.06 -16.33 -28.67
C SER B 5 -14.85 -16.38 -27.17
N ARG B 6 -15.84 -16.92 -26.46
CA ARG B 6 -15.66 -17.09 -25.03
C ARG B 6 -14.45 -18.00 -24.70
N THR B 7 -14.27 -19.08 -25.47
CA THR B 7 -13.17 -20.00 -25.15
C THR B 7 -11.80 -19.36 -25.47
N GLN B 8 -11.79 -18.40 -26.39
CA GLN B 8 -10.56 -17.68 -26.65
C GLN B 8 -10.22 -16.77 -25.48
N ILE B 9 -11.23 -16.20 -24.84
CA ILE B 9 -11.05 -15.41 -23.63
C ILE B 9 -10.55 -16.28 -22.49
N VAL B 10 -11.13 -17.46 -22.31
CA VAL B 10 -10.61 -18.44 -21.35
C VAL B 10 -9.15 -18.71 -21.67
N ASN B 11 -8.87 -18.96 -22.95
CA ASN B 11 -7.51 -19.24 -23.38
C ASN B 11 -6.57 -18.08 -23.10
N TRP B 12 -7.05 -16.87 -23.31
CA TRP B 12 -6.30 -15.70 -22.98
C TRP B 12 -5.84 -15.74 -21.51
N LEU B 13 -6.82 -15.84 -20.60
CA LEU B 13 -6.57 -15.78 -19.19
C LEU B 13 -5.63 -16.90 -18.73
N THR B 14 -5.85 -18.08 -19.30
CA THR B 14 -4.96 -19.22 -19.09
C THR B 14 -3.52 -18.91 -19.50
N ARG B 15 -3.35 -18.24 -20.64
CA ARG B 15 -1.99 -17.84 -21.08
C ARG B 15 -1.39 -16.77 -20.14
N CYS B 16 -2.24 -15.95 -19.55
CA CYS B 16 -1.77 -14.96 -18.57
C CYS B 16 -1.15 -15.64 -17.34
N GLY B 17 -1.79 -16.72 -16.88
CA GLY B 17 -1.26 -17.56 -15.82
C GLY B 17 0.15 -17.98 -16.17
N ASP B 18 0.34 -18.50 -17.38
CA ASP B 18 1.67 -18.89 -17.83
C ASP B 18 2.67 -17.73 -17.89
N ILE B 19 2.30 -16.63 -18.55
CA ILE B 19 3.22 -15.51 -18.68
C ILE B 19 3.57 -14.95 -17.28
N PHE B 20 2.59 -14.80 -16.39
CA PHE B 20 2.91 -14.18 -15.07
C PHE B 20 3.78 -15.06 -14.17
N SER B 21 3.72 -16.36 -14.42
CA SER B 21 4.63 -17.31 -13.80
C SER B 21 6.02 -17.15 -14.41
N THR B 22 6.12 -17.20 -15.74
CA THR B 22 7.42 -17.16 -16.43
C THR B 22 8.22 -15.87 -16.20
N GLU B 23 7.52 -14.73 -16.19
CA GLU B 23 8.12 -13.41 -16.11
C GLU B 23 8.06 -12.85 -14.67
N SER B 24 7.67 -13.68 -13.72
CA SER B 24 7.63 -13.28 -12.30
C SER B 24 8.88 -12.53 -11.80
N GLU B 25 10.05 -13.11 -12.03
CA GLU B 25 11.27 -12.51 -11.58
C GLU B 25 11.65 -11.25 -12.34
N TYR B 26 11.34 -11.23 -13.62
CA TYR B 26 11.60 -10.04 -14.44
C TYR B 26 10.78 -8.84 -13.92
N LEU B 27 9.49 -9.06 -13.66
CA LEU B 27 8.59 -8.03 -13.14
C LEU B 27 8.99 -7.56 -11.72
N THR B 28 9.38 -8.54 -10.91
CA THR B 28 9.99 -8.29 -9.65
C THR B 28 11.21 -7.38 -9.73
N GLY B 29 12.09 -7.61 -10.69
CA GLY B 29 13.30 -6.80 -10.83
C GLY B 29 12.94 -5.39 -11.27
N LEU B 30 11.97 -5.26 -12.16
CA LEU B 30 11.51 -3.95 -12.53
C LEU B 30 10.94 -3.18 -11.33
N ASP B 31 10.21 -3.89 -10.47
CA ASP B 31 9.67 -3.28 -9.26
C ASP B 31 10.73 -3.23 -8.14
N ARG B 32 11.89 -3.84 -8.34
CA ARG B 32 12.98 -3.58 -7.40
C ARG B 32 13.65 -2.21 -7.63
N GLU B 33 13.92 -1.89 -8.88
CA GLU B 33 14.61 -0.66 -9.20
C GLU B 33 13.89 0.62 -8.77
N ILE B 34 12.56 0.62 -8.87
CA ILE B 34 11.74 1.81 -8.66
C ILE B 34 10.52 1.47 -7.78
N GLY B 35 10.68 0.49 -6.92
CA GLY B 35 9.56 0.05 -6.08
C GLY B 35 10.06 -0.83 -4.95
N ASP B 36 9.18 -1.74 -4.53
CA ASP B 36 9.41 -2.53 -3.36
C ASP B 36 9.55 -4.02 -3.70
N ALA B 37 9.80 -4.30 -4.99
CA ALA B 37 10.18 -5.62 -5.45
C ALA B 37 9.14 -6.68 -5.30
N ASP B 38 7.88 -6.32 -5.40
CA ASP B 38 6.80 -7.29 -5.17
C ASP B 38 5.86 -7.50 -6.40
N HIS B 39 5.95 -6.66 -7.41
CA HIS B 39 4.93 -6.71 -8.46
C HIS B 39 4.75 -8.08 -9.09
N GLY B 40 5.87 -8.68 -9.51
CA GLY B 40 5.89 -9.97 -10.16
C GLY B 40 5.14 -11.00 -9.33
N LEU B 41 5.39 -11.00 -8.02
CA LEU B 41 4.81 -11.95 -7.08
C LEU B 41 3.34 -11.75 -6.98
N ASN B 42 2.94 -10.48 -7.01
CA ASN B 42 1.53 -10.10 -6.93
C ASN B 42 0.75 -10.58 -8.14
N MET B 43 1.32 -10.38 -9.32
CA MET B 43 0.67 -10.78 -10.57
C MET B 43 0.68 -12.30 -10.63
N ASN B 44 1.80 -12.91 -10.29
CA ASN B 44 1.84 -14.37 -10.28
C ASN B 44 0.80 -14.96 -9.32
N ARG B 45 0.77 -14.48 -8.09
CA ARG B 45 -0.21 -14.96 -7.13
C ARG B 45 -1.68 -14.79 -7.62
N GLY B 46 -2.00 -13.59 -8.14
CA GLY B 46 -3.31 -13.32 -8.71
C GLY B 46 -3.76 -14.20 -9.88
N PHE B 47 -2.93 -14.32 -10.91
CA PHE B 47 -3.36 -15.03 -12.11
C PHE B 47 -3.26 -16.52 -11.86
N SER B 48 -2.33 -16.89 -11.01
CA SER B 48 -2.29 -18.24 -10.54
C SER B 48 -3.64 -18.66 -9.92
N LYS B 49 -4.23 -17.81 -9.07
CA LYS B 49 -5.53 -18.12 -8.50
C LYS B 49 -6.65 -18.05 -9.54
N VAL B 50 -6.58 -17.09 -10.46
CA VAL B 50 -7.54 -16.99 -11.53
C VAL B 50 -7.60 -18.28 -12.34
N VAL B 51 -6.41 -18.70 -12.78
CA VAL B 51 -6.30 -19.84 -13.67
C VAL B 51 -6.72 -21.16 -12.99
N GLU B 52 -6.59 -21.24 -11.66
CA GLU B 52 -7.17 -22.35 -10.89
C GLU B 52 -8.71 -22.39 -10.83
N LYS B 53 -9.35 -21.23 -10.76
CA LYS B 53 -10.79 -21.15 -10.68
C LYS B 53 -11.43 -21.30 -12.06
N LEU B 54 -10.61 -21.24 -13.11
CA LEU B 54 -11.11 -20.99 -14.47
C LEU B 54 -11.84 -22.19 -15.04
N PRO B 55 -11.23 -23.41 -14.94
CA PRO B 55 -11.87 -24.62 -15.47
C PRO B 55 -13.28 -24.89 -14.95
N ALA B 56 -13.55 -24.59 -13.69
CA ALA B 56 -14.91 -24.66 -13.16
C ALA B 56 -15.90 -23.69 -13.81
N ILE B 57 -15.43 -22.63 -14.48
CA ILE B 57 -16.35 -21.65 -15.11
C ILE B 57 -16.17 -21.44 -16.59
N ALA B 58 -15.36 -22.28 -17.24
CA ALA B 58 -15.05 -22.09 -18.66
C ALA B 58 -16.29 -22.07 -19.55
N ASP B 59 -17.43 -22.52 -19.02
CA ASP B 59 -18.63 -22.59 -19.84
CA ASP B 59 -18.68 -22.65 -19.78
C ASP B 59 -19.70 -21.55 -19.51
N LYS B 60 -19.33 -20.54 -18.72
CA LYS B 60 -20.28 -19.45 -18.42
C LYS B 60 -20.11 -18.33 -19.45
N ASP B 61 -20.90 -17.26 -19.36
CA ASP B 61 -20.79 -16.16 -20.36
C ASP B 61 -19.56 -15.27 -20.11
N ILE B 62 -19.08 -14.64 -21.17
CA ILE B 62 -17.91 -13.80 -21.11
C ILE B 62 -17.97 -12.79 -19.94
N GLY B 63 -19.09 -12.10 -19.78
CA GLY B 63 -19.24 -11.18 -18.66
C GLY B 63 -19.01 -11.82 -17.30
N PHE B 64 -19.54 -13.02 -17.13
CA PHE B 64 -19.33 -13.81 -15.92
C PHE B 64 -17.86 -14.15 -15.61
N ILE B 65 -17.15 -14.62 -16.63
CA ILE B 65 -15.78 -15.01 -16.48
C ILE B 65 -14.89 -13.80 -16.17
N LEU B 66 -15.14 -12.67 -16.85
CA LEU B 66 -14.31 -11.47 -16.68
C LEU B 66 -14.50 -10.86 -15.30
N LYS B 67 -15.75 -10.86 -14.83
CA LYS B 67 -16.10 -10.30 -13.55
C LYS B 67 -15.53 -11.13 -12.38
N ASN B 68 -15.67 -12.45 -12.45
CA ASN B 68 -15.03 -13.32 -11.51
C ASN B 68 -13.53 -13.15 -11.51
N THR B 69 -12.93 -13.10 -12.69
CA THR B 69 -11.51 -12.87 -12.81
C THR B 69 -11.09 -11.61 -12.07
N GLY B 70 -11.80 -10.50 -12.29
CA GLY B 70 -11.51 -9.24 -11.63
C GLY B 70 -11.63 -9.33 -10.12
N MET B 71 -12.66 -10.03 -9.66
CA MET B 71 -12.90 -10.25 -8.25
C MET B 71 -11.86 -11.18 -7.60
N THR B 72 -11.44 -12.19 -8.35
CA THR B 72 -10.35 -13.06 -7.92
C THR B 72 -8.99 -12.33 -7.76
N LEU B 73 -8.58 -11.63 -8.79
CA LEU B 73 -7.44 -10.71 -8.71
C LEU B 73 -7.53 -9.77 -7.51
N LEU B 74 -8.71 -9.18 -7.27
CA LEU B 74 -8.90 -8.23 -6.16
C LEU B 74 -8.65 -8.88 -4.80
N SER B 75 -9.09 -10.14 -4.65
CA SER B 75 -8.99 -10.86 -3.39
C SER B 75 -7.63 -11.48 -3.14
N SER B 76 -6.69 -11.17 -3.99
CA SER B 76 -5.49 -11.95 -4.05
C SER B 76 -4.25 -11.13 -4.46
N VAL B 77 -4.32 -10.27 -5.47
CA VAL B 77 -3.11 -9.54 -5.91
C VAL B 77 -2.58 -8.54 -4.85
N GLY B 78 -3.49 -7.83 -4.19
CA GLY B 78 -3.15 -6.81 -3.19
C GLY B 78 -2.37 -5.63 -3.74
N GLY B 79 -1.87 -4.78 -2.86
CA GLY B 79 -1.07 -3.65 -3.25
C GLY B 79 -1.79 -2.74 -4.22
N ALA B 80 -1.05 -1.98 -5.02
CA ALA B 80 -1.72 -1.01 -5.91
C ALA B 80 -2.38 -1.70 -7.15
N SER B 81 -1.73 -2.74 -7.64
CA SER B 81 -2.20 -3.35 -8.88
C SER B 81 -3.47 -4.21 -8.68
N GLY B 82 -3.74 -4.65 -7.46
CA GLY B 82 -4.90 -5.50 -7.21
C GLY B 82 -6.24 -4.82 -7.51
N PRO B 83 -6.49 -3.68 -6.84
CA PRO B 83 -7.67 -2.88 -7.14
C PRO B 83 -7.71 -2.32 -8.54
N LEU B 84 -6.55 -1.98 -9.10
CA LEU B 84 -6.50 -1.46 -10.48
C LEU B 84 -6.83 -2.48 -11.54
N PHE B 85 -6.18 -3.63 -11.51
CA PHE B 85 -6.52 -4.71 -12.47
C PHE B 85 -7.87 -5.35 -12.15
N GLY B 86 -8.25 -5.40 -10.87
CA GLY B 86 -9.59 -5.86 -10.51
C GLY B 86 -10.66 -5.01 -11.16
N THR B 87 -10.55 -3.69 -11.00
CA THR B 87 -11.44 -2.72 -11.65
C THR B 87 -11.46 -2.80 -13.18
N PHE B 88 -10.28 -2.93 -13.79
CA PHE B 88 -10.25 -3.17 -15.21
C PHE B 88 -11.19 -4.31 -15.61
N PHE B 89 -11.05 -5.49 -15.00
CA PHE B 89 -11.87 -6.66 -15.38
C PHE B 89 -13.36 -6.53 -15.00
N ILE B 90 -13.64 -5.91 -13.86
CA ILE B 90 -15.00 -5.69 -13.45
C ILE B 90 -15.73 -4.71 -14.39
N ARG B 91 -15.10 -3.59 -14.75
CA ARG B 91 -15.72 -2.66 -15.68
C ARG B 91 -15.80 -3.26 -17.09
N ALA B 92 -14.81 -4.08 -17.46
CA ALA B 92 -14.83 -4.75 -18.77
C ALA B 92 -16.01 -5.71 -18.86
N ALA B 93 -16.32 -6.36 -17.74
CA ALA B 93 -17.41 -7.33 -17.69
C ALA B 93 -18.79 -6.69 -17.80
N GLN B 94 -18.94 -5.48 -17.30
CA GLN B 94 -20.23 -4.83 -17.44
C GLN B 94 -20.43 -4.18 -18.80
N ALA B 95 -19.36 -4.05 -19.59
CA ALA B 95 -19.49 -3.65 -20.99
C ALA B 95 -20.01 -4.88 -21.76
N THR B 96 -19.42 -6.00 -21.39
CA THR B 96 -19.69 -7.25 -22.03
C THR B 96 -21.03 -7.83 -21.62
N GLN B 97 -21.03 -8.39 -20.41
CA GLN B 97 -22.22 -9.01 -19.87
C GLN B 97 -22.39 -10.32 -20.60
N ALA B 98 -23.62 -10.78 -20.74
CA ALA B 98 -23.90 -12.14 -21.22
C ALA B 98 -23.53 -12.41 -22.69
N ARG B 99 -22.33 -12.05 -23.12
CA ARG B 99 -21.90 -12.42 -24.44
C ARG B 99 -21.38 -13.86 -24.50
N GLN B 100 -21.29 -14.36 -25.72
CA GLN B 100 -20.76 -15.68 -25.99
C GLN B 100 -19.61 -15.49 -27.00
N SER B 101 -19.59 -14.34 -27.64
CA SER B 101 -18.46 -13.93 -28.46
C SER B 101 -18.53 -12.42 -28.59
N LEU B 102 -17.47 -11.81 -29.09
CA LEU B 102 -17.36 -10.35 -29.14
C LEU B 102 -16.81 -9.86 -30.46
N THR B 103 -17.43 -8.84 -31.00
CA THR B 103 -17.02 -8.23 -32.24
C THR B 103 -15.88 -7.28 -31.92
N LEU B 104 -15.11 -6.85 -32.92
CA LEU B 104 -14.07 -5.86 -32.71
C LEU B 104 -14.68 -4.72 -31.90
N GLU B 105 -15.79 -4.20 -32.38
CA GLU B 105 -16.43 -3.05 -31.77
C GLU B 105 -16.68 -3.21 -30.26
N GLU B 106 -17.15 -4.38 -29.86
CA GLU B 106 -17.40 -4.69 -28.45
C GLU B 106 -16.14 -4.89 -27.62
N LEU B 107 -15.10 -5.42 -28.26
CA LEU B 107 -13.76 -5.49 -27.67
C LEU B 107 -13.25 -4.09 -27.34
N TYR B 108 -13.25 -3.22 -28.34
CA TYR B 108 -12.89 -1.83 -28.12
C TYR B 108 -13.66 -1.22 -26.93
N GLN B 109 -14.99 -1.35 -26.91
CA GLN B 109 -15.79 -0.78 -25.84
C GLN B 109 -15.40 -1.37 -24.49
N MET B 110 -15.19 -2.69 -24.48
CA MET B 110 -14.75 -3.41 -23.29
C MET B 110 -13.44 -2.88 -22.72
N PHE B 111 -12.46 -2.69 -23.59
CA PHE B 111 -11.16 -2.18 -23.17
C PHE B 111 -11.23 -0.73 -22.82
N ARG B 112 -12.07 0.00 -23.56
CA ARG B 112 -12.31 1.39 -23.26
C ARG B 112 -12.92 1.52 -21.88
N ASP B 113 -13.87 0.66 -21.53
CA ASP B 113 -14.55 0.82 -20.24
C ASP B 113 -13.62 0.37 -19.09
N GLY B 114 -12.98 -0.77 -19.23
CA GLY B 114 -11.91 -1.20 -18.31
C GLY B 114 -10.91 -0.11 -17.96
N ALA B 115 -10.31 0.48 -18.99
CA ALA B 115 -9.28 1.47 -18.77
C ALA B 115 -9.86 2.68 -18.07
N ASP B 116 -11.10 3.04 -18.42
CA ASP B 116 -11.70 4.22 -17.81
C ASP B 116 -11.81 4.02 -16.31
N GLY B 117 -12.21 2.81 -15.92
CA GLY B 117 -12.11 2.38 -14.52
C GLY B 117 -10.72 2.53 -13.92
N VAL B 118 -9.66 2.03 -14.54
CA VAL B 118 -8.33 2.23 -13.92
C VAL B 118 -7.91 3.70 -13.81
N ILE B 119 -8.27 4.49 -14.81
CA ILE B 119 -7.99 5.91 -14.78
C ILE B 119 -8.76 6.64 -13.67
N SER B 120 -10.02 6.27 -13.37
CA SER B 120 -10.67 7.11 -12.35
C SER B 120 -10.34 6.73 -10.91
N ARG B 121 -10.08 5.45 -10.65
CA ARG B 121 -9.54 4.96 -9.40
C ARG B 121 -8.15 5.53 -9.13
N GLY B 122 -7.25 5.43 -10.10
CA GLY B 122 -5.87 5.86 -9.90
C GLY B 122 -5.53 7.30 -10.29
N LYS B 123 -6.35 7.93 -11.14
CA LYS B 123 -6.10 9.30 -11.63
C LYS B 123 -4.83 9.44 -12.46
N ALA B 124 -4.31 8.39 -13.05
CA ALA B 124 -3.07 8.60 -13.82
C ALA B 124 -3.34 9.30 -15.15
N GLU B 125 -2.43 10.21 -15.52
CA GLU B 125 -2.50 10.90 -16.79
C GLU B 125 -1.38 10.38 -17.66
N PRO B 126 -1.48 10.60 -18.98
CA PRO B 126 -0.36 10.14 -19.81
C PRO B 126 0.99 10.73 -19.34
N GLY B 127 1.99 9.86 -19.21
CA GLY B 127 3.30 10.31 -18.75
C GLY B 127 3.54 10.22 -17.26
N ASP B 128 2.52 9.82 -16.51
CA ASP B 128 2.69 9.59 -15.06
C ASP B 128 3.57 8.38 -14.74
N LYS B 129 3.85 7.57 -15.77
CA LYS B 129 4.65 6.34 -15.63
C LYS B 129 3.91 5.20 -14.90
N THR B 130 2.73 4.83 -15.40
CA THR B 130 1.93 3.75 -14.87
C THR B 130 1.39 2.81 -15.97
N MET B 131 0.63 1.79 -15.55
CA MET B 131 -0.07 0.91 -16.47
C MET B 131 -0.97 1.70 -17.42
N CYS B 132 -1.43 2.87 -16.99
CA CYS B 132 -2.25 3.69 -17.88
C CYS B 132 -1.54 4.22 -19.12
N ASP B 133 -0.21 4.23 -19.10
CA ASP B 133 0.56 4.62 -20.25
C ASP B 133 0.56 3.54 -21.31
N VAL B 134 0.02 2.37 -21.00
CA VAL B 134 -0.12 1.29 -21.97
C VAL B 134 -1.63 1.13 -22.33
N TRP B 135 -2.51 1.13 -21.30
CA TRP B 135 -3.97 1.03 -21.51
C TRP B 135 -4.49 2.03 -22.53
N VAL B 136 -4.11 3.30 -22.35
CA VAL B 136 -4.68 4.36 -23.18
C VAL B 136 -4.30 4.21 -24.65
N PRO B 137 -2.99 4.09 -24.93
CA PRO B 137 -2.64 3.75 -26.33
C PRO B 137 -3.31 2.47 -26.83
N VAL B 138 -3.46 1.44 -25.99
CA VAL B 138 -4.09 0.20 -26.40
C VAL B 138 -5.56 0.42 -26.81
N VAL B 139 -6.26 1.22 -26.03
CA VAL B 139 -7.65 1.49 -26.31
C VAL B 139 -7.79 2.25 -27.64
N GLU B 140 -6.83 3.10 -27.92
CA GLU B 140 -6.91 3.98 -29.08
C GLU B 140 -6.57 3.16 -30.31
N SER B 141 -5.71 2.16 -30.11
CA SER B 141 -5.45 1.16 -31.16
C SER B 141 -6.73 0.40 -31.49
N LEU B 142 -7.34 -0.23 -30.50
CA LEU B 142 -8.62 -0.87 -30.73
C LEU B 142 -9.66 0.03 -31.44
N ARG B 143 -9.74 1.30 -31.05
CA ARG B 143 -10.63 2.25 -31.69
C ARG B 143 -10.34 2.36 -33.18
N GLN B 144 -9.08 2.62 -33.49
CA GLN B 144 -8.65 2.76 -34.87
C GLN B 144 -8.92 1.48 -35.66
N SER B 145 -8.56 0.33 -35.11
CA SER B 145 -8.81 -0.95 -35.78
C SER B 145 -10.31 -1.13 -36.09
N SER B 146 -11.14 -0.64 -35.18
CA SER B 146 -12.56 -0.77 -35.35
C SER B 146 -13.01 0.10 -36.53
N GLU B 147 -12.53 1.36 -36.59
CA GLU B 147 -12.83 2.27 -37.71
C GLU B 147 -12.51 1.56 -39.03
N GLN B 148 -11.39 0.84 -39.05
CA GLN B 148 -10.87 0.28 -40.28
C GLN B 148 -11.42 -1.09 -40.61
N ASN B 149 -12.35 -1.55 -39.79
CA ASN B 149 -12.97 -2.85 -39.98
C ASN B 149 -11.95 -3.99 -40.12
N LEU B 150 -10.88 -3.94 -39.32
CA LEU B 150 -9.88 -5.01 -39.33
C LEU B 150 -10.49 -6.26 -38.75
N SER B 151 -9.90 -7.42 -39.03
CA SER B 151 -10.29 -8.65 -38.30
C SER B 151 -9.91 -8.56 -36.80
N VAL B 152 -10.58 -9.34 -35.96
CA VAL B 152 -10.35 -9.29 -34.52
C VAL B 152 -8.90 -9.74 -34.23
N PRO B 153 -8.47 -10.80 -34.92
CA PRO B 153 -7.11 -11.24 -34.62
C PRO B 153 -6.01 -10.25 -34.99
N VAL B 154 -6.15 -9.52 -36.09
CA VAL B 154 -5.06 -8.58 -36.41
C VAL B 154 -5.20 -7.28 -35.61
N ALA B 155 -6.43 -6.98 -35.21
CA ALA B 155 -6.65 -5.85 -34.30
C ALA B 155 -5.87 -6.07 -33.01
N LEU B 156 -5.93 -7.29 -32.47
CA LEU B 156 -5.26 -7.59 -31.23
C LEU B 156 -3.74 -7.73 -31.44
N GLU B 157 -3.38 -8.20 -32.61
CA GLU B 157 -1.99 -8.20 -32.98
C GLU B 157 -1.43 -6.78 -32.99
N ALA B 158 -2.20 -5.81 -33.52
CA ALA B 158 -1.74 -4.40 -33.52
C ALA B 158 -1.81 -3.71 -32.15
N ALA B 159 -2.84 -4.06 -31.36
CA ALA B 159 -2.95 -3.56 -29.99
C ALA B 159 -1.77 -4.05 -29.12
N SER B 160 -1.41 -5.31 -29.33
CA SER B 160 -0.32 -5.91 -28.61
C SER B 160 1.00 -5.23 -28.91
N SER B 161 1.22 -4.97 -30.18
CA SER B 161 2.46 -4.41 -30.61
C SER B 161 2.56 -2.95 -30.18
N ILE B 162 1.43 -2.23 -30.19
CA ILE B 162 1.36 -0.90 -29.55
C ILE B 162 1.62 -0.95 -28.02
N ALA B 163 1.01 -1.89 -27.31
CA ALA B 163 1.32 -2.12 -25.88
C ALA B 163 2.82 -2.25 -25.59
N GLU B 164 3.53 -2.91 -26.51
CA GLU B 164 4.98 -3.10 -26.35
C GLU B 164 5.72 -1.77 -26.37
N SER B 165 5.41 -0.94 -27.37
CA SER B 165 6.06 0.33 -27.48
C SER B 165 5.68 1.26 -26.37
N ALA B 166 4.44 1.16 -25.92
CA ALA B 166 3.93 2.02 -24.85
C ALA B 166 4.63 1.62 -23.55
N ALA B 167 4.77 0.34 -23.29
CA ALA B 167 5.47 -0.07 -22.08
C ALA B 167 6.91 0.49 -22.12
N GLN B 168 7.67 0.13 -23.16
CA GLN B 168 8.98 0.74 -23.40
C GLN B 168 9.00 2.29 -23.25
N SER B 169 7.95 2.96 -23.72
CA SER B 169 7.93 4.44 -23.64
C SER B 169 8.01 4.93 -22.18
N THR B 170 7.72 4.04 -21.24
CA THR B 170 7.70 4.44 -19.82
C THR B 170 9.12 4.64 -19.26
N ILE B 171 10.09 3.98 -19.89
CA ILE B 171 11.44 3.94 -19.34
C ILE B 171 11.87 5.34 -19.01
N THR B 172 11.41 6.23 -19.86
CA THR B 172 11.95 7.55 -19.98
C THR B 172 11.26 8.57 -19.09
N MET B 173 10.06 8.22 -18.64
CA MET B 173 9.28 9.10 -17.78
C MET B 173 9.74 9.16 -16.35
N GLN B 174 9.66 10.35 -15.79
CA GLN B 174 9.70 10.46 -14.33
C GLN B 174 8.34 10.08 -13.73
N ALA B 175 8.30 9.17 -12.75
CA ALA B 175 7.00 8.74 -12.20
C ALA B 175 6.31 9.84 -11.45
N ARG B 176 5.00 9.90 -11.60
CA ARG B 176 4.19 10.88 -10.92
C ARG B 176 3.11 10.22 -10.10
N LYS B 177 2.97 8.92 -10.24
CA LYS B 177 2.03 8.15 -9.44
C LYS B 177 2.72 6.87 -9.03
N GLY B 178 2.15 6.21 -8.03
CA GLY B 178 2.68 4.98 -7.53
C GLY B 178 3.93 5.17 -6.68
N ARG B 179 4.45 4.04 -6.26
CA ARG B 179 5.60 3.98 -5.39
C ARG B 179 6.82 4.64 -6.05
N ALA B 180 6.95 4.46 -7.37
CA ALA B 180 8.09 5.02 -8.11
C ALA B 180 8.14 6.56 -8.05
N SER B 181 7.00 7.19 -7.83
CA SER B 181 6.99 8.64 -7.74
C SER B 181 7.74 9.14 -6.50
N TYR B 182 8.02 8.26 -5.52
CA TYR B 182 8.80 8.67 -4.34
C TYR B 182 10.28 8.80 -4.63
N LEU B 183 10.74 8.19 -5.74
CA LEU B 183 12.15 8.26 -6.12
C LEU B 183 12.54 9.47 -6.92
N GLY B 184 11.57 10.30 -7.31
CA GLY B 184 11.86 11.51 -8.11
C GLY B 184 12.51 11.15 -9.46
N GLU B 185 13.59 11.83 -9.78
CA GLU B 185 14.31 11.62 -11.01
C GLU B 185 15.05 10.30 -11.07
N ARG B 186 15.14 9.60 -9.95
CA ARG B 186 15.71 8.27 -9.90
C ARG B 186 14.80 7.23 -10.58
N SER B 187 13.53 7.56 -10.74
CA SER B 187 12.64 6.68 -11.51
C SER B 187 12.88 6.73 -13.05
N ILE B 188 13.56 7.77 -13.55
CA ILE B 188 13.91 7.84 -14.97
C ILE B 188 14.96 6.77 -15.35
N GLY B 189 14.75 6.09 -16.47
CA GLY B 189 15.74 5.05 -16.90
C GLY B 189 15.28 3.63 -16.61
N HIS B 190 14.06 3.52 -16.10
CA HIS B 190 13.52 2.24 -15.63
C HIS B 190 12.11 2.01 -16.11
N GLN B 191 11.86 0.81 -16.62
CA GLN B 191 10.55 0.47 -17.14
C GLN B 191 9.51 0.21 -16.03
N ASP B 192 8.33 0.79 -16.17
CA ASP B 192 7.24 0.56 -15.19
C ASP B 192 6.83 -0.90 -15.15
N PRO B 193 6.82 -1.49 -13.96
CA PRO B 193 6.35 -2.89 -13.84
C PRO B 193 4.87 -3.08 -14.30
N GLY B 194 3.95 -2.25 -13.81
CA GLY B 194 2.53 -2.42 -14.14
C GLY B 194 2.28 -2.30 -15.65
N ALA B 195 2.96 -1.36 -16.30
CA ALA B 195 2.83 -1.22 -17.76
C ALA B 195 3.32 -2.46 -18.53
N THR B 196 4.35 -3.09 -17.99
CA THR B 196 4.86 -4.34 -18.53
C THR B 196 3.83 -5.45 -18.38
N SER B 197 3.16 -5.51 -17.24
CA SER B 197 2.09 -6.49 -17.03
C SER B 197 0.97 -6.36 -18.08
N VAL B 198 0.54 -5.11 -18.36
CA VAL B 198 -0.49 -4.84 -19.39
C VAL B 198 0.02 -5.33 -20.74
N MET B 199 1.25 -4.99 -21.08
CA MET B 199 1.90 -5.48 -22.28
C MET B 199 1.84 -7.00 -22.37
N PHE B 200 2.28 -7.71 -21.33
CA PHE B 200 2.18 -9.17 -21.33
C PHE B 200 0.77 -9.64 -21.54
N MET B 201 -0.20 -9.05 -20.84
CA MET B 201 -1.62 -9.40 -21.05
C MET B 201 -2.11 -9.24 -22.50
N MET B 202 -1.68 -8.16 -23.18
CA MET B 202 -2.05 -7.91 -24.58
C MET B 202 -1.36 -8.87 -25.50
N GLN B 203 -0.11 -9.20 -25.19
CA GLN B 203 0.62 -10.18 -26.01
C GLN B 203 -0.06 -11.55 -25.95
N MET B 204 -0.61 -11.87 -24.78
CA MET B 204 -1.27 -13.17 -24.64
C MET B 204 -2.66 -13.20 -25.33
N LEU B 205 -3.27 -12.03 -25.52
CA LEU B 205 -4.57 -11.93 -26.13
C LEU B 205 -4.40 -12.14 -27.63
N ALA B 206 -3.40 -11.49 -28.21
CA ALA B 206 -3.06 -11.72 -29.62
C ALA B 206 -2.86 -13.21 -29.85
N LEU B 207 -2.02 -13.85 -29.04
CA LEU B 207 -1.87 -15.32 -29.09
C LEU B 207 -3.18 -16.08 -28.99
N ALA B 208 -4.01 -15.75 -28.00
CA ALA B 208 -5.31 -16.41 -27.80
C ALA B 208 -6.25 -16.29 -29.01
N ALA B 209 -6.17 -15.19 -29.74
CA ALA B 209 -7.05 -14.91 -30.85
C ALA B 209 -6.55 -15.52 -32.17
N LYS B 210 -5.27 -15.88 -32.25
CA LYS B 210 -4.73 -16.52 -33.44
C LYS B 210 -5.40 -17.87 -33.49
N GLU B 211 -5.74 -18.34 -34.68
CA GLU B 211 -6.27 -19.70 -34.77
C GLU B 211 -6.19 -20.24 -36.19
C1 GOL C . 2.48 -0.71 3.84
O1 GOL C . 1.27 -1.33 4.27
C2 GOL C . 3.15 -1.62 2.80
O2 GOL C . 3.53 -2.83 3.40
C3 GOL C . 2.31 -1.89 1.52
O3 GOL C . 2.09 -0.65 0.85
PB ADP D . 2.73 -1.57 -4.95
O1B ADP D . 3.80 -2.54 -4.50
O2B ADP D . 1.67 -1.27 -3.91
O3B ADP D . 3.26 -0.29 -5.53
PA ADP D . 2.63 -3.28 -7.31
O1A ADP D . 4.10 -3.34 -7.15
O2A ADP D . 1.86 -4.54 -7.47
O3A ADP D . 1.94 -2.45 -6.10
O5' ADP D . 2.27 -2.31 -8.56
C5' ADP D . 3.06 -1.21 -9.05
C4' ADP D . 2.41 -0.69 -10.34
O4' ADP D . 1.12 -0.11 -10.03
C3' ADP D . 3.10 0.46 -10.99
O3' ADP D . 4.16 0.00 -11.78
C2' ADP D . 2.04 1.20 -11.77
O2' ADP D . 1.88 0.78 -13.13
C1' ADP D . 0.77 0.81 -11.06
N9 ADP D . 0.23 2.01 -10.41
C8 ADP D . 0.64 2.51 -9.22
N7 ADP D . -0.07 3.60 -8.88
C5 ADP D . -0.95 3.81 -9.90
C6 ADP D . -2.01 4.80 -10.19
N6 ADP D . -2.24 5.82 -9.31
N1 ADP D . -2.70 4.64 -11.35
C2 ADP D . -2.44 3.64 -12.25
N3 ADP D . -1.50 2.70 -12.04
C4 ADP D . -0.75 2.75 -10.90
MG MG E . 5.42 -3.17 -5.59
MG MG F . 4.02 -3.56 -2.28
#